data_1K2I
#
_entry.id   1K2I
#
_cell.length_a   69.852
_cell.length_b   69.852
_cell.length_c   97.380
_cell.angle_alpha   90.00
_cell.angle_beta   90.00
_cell.angle_gamma   90.00
#
_symmetry.space_group_name_H-M   'P 42 21 2'
#
loop_
_entity.id
_entity.type
_entity.pdbx_description
1 polymer 'CHYMOTRYPSINOGEN A'
2 non-polymer 'SULFATE ION'
3 non-polymer '2,4-DIHYDROXY-TRANS CINNAMIC ACID'
4 water water
#
_entity_poly.entity_id   1
_entity_poly.type   'polypeptide(L)'
_entity_poly.pdbx_seq_one_letter_code
;CGVPAIQPVLSGLSRIVNGEEAVPGSWPWQVSLQDKTGFHFCGGSLINENWVVTAAHCGVTTSDVVVAGEFDQGSSSEKI
QKLKIAKVFKNSKYNSLTINNDITLLKLSTAASFSQTVSAVCLPSASDDFAAGTTCVTTGWGLTRYTNANTPDRLQQASL
PLLSNTNCKKYWGTKIKDAMICAGASGVSSCMGDSGGPLVCKKNGAWTLVGIVSWGSSTCSTSTPGVYARVTALVNWVQQ
TLAAN
;
_entity_poly.pdbx_strand_id   1
#
# COMPACT_ATOMS: atom_id res chain seq x y z
N CYS A 1 -7.09 15.33 -1.76
CA CYS A 1 -6.44 14.03 -1.41
C CYS A 1 -5.24 14.24 -0.48
N GLY A 2 -4.80 13.16 0.14
CA GLY A 2 -3.63 13.18 1.00
C GLY A 2 -3.59 13.99 2.27
N VAL A 3 -4.73 14.50 2.74
CA VAL A 3 -4.76 15.29 3.96
C VAL A 3 -5.77 14.69 4.93
N PRO A 4 -5.32 13.80 5.83
CA PRO A 4 -6.20 13.16 6.81
C PRO A 4 -6.88 14.14 7.75
N ALA A 5 -8.14 13.86 8.10
CA ALA A 5 -8.88 14.72 9.02
C ALA A 5 -8.30 14.49 10.41
N ILE A 6 -7.85 13.26 10.65
CA ILE A 6 -7.24 12.90 11.92
C ILE A 6 -5.75 12.80 11.62
N GLN A 7 -4.98 13.77 12.10
CA GLN A 7 -3.55 13.79 11.83
C GLN A 7 -2.74 12.65 12.43
N PRO A 8 -1.85 12.06 11.62
CA PRO A 8 -1.01 10.96 12.07
C PRO A 8 0.04 11.47 13.05
N VAL A 9 0.45 10.63 13.98
CA VAL A 9 1.48 10.99 14.95
C VAL A 9 2.62 9.99 14.78
N LEU A 10 3.78 10.49 14.38
CA LEU A 10 4.95 9.63 14.17
C LEU A 10 5.97 9.77 15.30
N ILE A 16 4.16 -5.32 9.56
CA ILE A 16 5.37 -4.47 9.73
C ILE A 16 6.15 -4.91 10.97
N VAL A 17 7.43 -5.19 10.78
CA VAL A 17 8.28 -5.60 11.89
C VAL A 17 8.89 -4.35 12.52
N ASN A 18 8.80 -4.25 13.84
CA ASN A 18 9.33 -3.12 14.60
C ASN A 18 8.64 -1.79 14.31
N GLY A 19 7.36 -1.86 13.94
CA GLY A 19 6.62 -0.65 13.69
C GLY A 19 5.92 -0.27 14.97
N GLU A 20 4.93 0.61 14.89
CA GLU A 20 4.18 1.01 16.07
C GLU A 20 2.71 1.13 15.71
N GLU A 21 1.86 1.16 16.74
CA GLU A 21 0.43 1.28 16.53
C GLU A 21 0.11 2.68 16.04
N ALA A 22 -0.73 2.78 15.02
CA ALA A 22 -1.09 4.08 14.47
C ALA A 22 -2.24 4.71 15.23
N VAL A 23 -2.42 6.02 15.04
CA VAL A 23 -3.53 6.71 15.67
C VAL A 23 -4.75 6.25 14.88
N PRO A 24 -5.81 5.82 15.56
CA PRO A 24 -7.02 5.37 14.88
C PRO A 24 -7.55 6.34 13.84
N GLY A 25 -7.72 5.84 12.61
CA GLY A 25 -8.24 6.65 11.53
C GLY A 25 -7.31 7.68 10.89
N SER A 26 -6.04 7.70 11.31
CA SER A 26 -5.07 8.66 10.78
C SER A 26 -4.50 8.35 9.39
N TRP A 27 -4.82 7.17 8.87
CA TRP A 27 -4.38 6.76 7.55
C TRP A 27 -5.68 6.31 6.88
N PRO A 28 -6.58 7.27 6.61
CA PRO A 28 -7.89 7.07 6.00
C PRO A 28 -8.02 6.35 4.66
N TRP A 29 -6.95 6.31 3.89
CA TRP A 29 -6.98 5.62 2.59
C TRP A 29 -6.64 4.15 2.69
N GLN A 30 -6.11 3.74 3.84
CA GLN A 30 -5.72 2.35 4.06
C GLN A 30 -6.94 1.43 4.17
N VAL A 31 -6.97 0.40 3.33
CA VAL A 31 -8.06 -0.58 3.38
C VAL A 31 -7.45 -1.96 3.59
N SER A 32 -8.29 -2.89 4.00
CA SER A 32 -7.87 -4.27 4.21
C SER A 32 -8.61 -5.12 3.20
N LEU A 33 -7.88 -6.03 2.55
CA LEU A 33 -8.52 -6.93 1.60
C LEU A 33 -8.71 -8.25 2.38
N GLN A 34 -9.96 -8.67 2.50
CA GLN A 34 -10.30 -9.89 3.23
C GLN A 34 -11.07 -10.85 2.33
N ASP A 35 -10.85 -12.16 2.52
CA ASP A 35 -11.58 -13.13 1.72
C ASP A 35 -12.93 -13.36 2.40
N LYS A 36 -13.77 -14.23 1.85
CA LYS A 36 -15.10 -14.43 2.43
C LYS A 36 -15.14 -14.95 3.86
N THR A 37 -14.03 -15.52 4.34
CA THR A 37 -14.02 -16.01 5.71
C THR A 37 -13.61 -14.90 6.70
N GLY A 38 -13.33 -13.71 6.16
CA GLY A 38 -12.93 -12.58 6.99
C GLY A 38 -11.44 -12.50 7.26
N PHE A 39 -10.67 -13.33 6.56
CA PHE A 39 -9.22 -13.39 6.71
C PHE A 39 -8.52 -12.24 5.96
N HIS A 40 -7.73 -11.44 6.67
CA HIS A 40 -7.00 -10.34 6.04
C HIS A 40 -5.80 -10.92 5.31
N PHE A 41 -5.66 -10.63 4.01
CA PHE A 41 -4.53 -11.16 3.26
C PHE A 41 -3.69 -10.11 2.52
N CYS A 42 -4.22 -8.89 2.40
CA CYS A 42 -3.50 -7.83 1.72
C CYS A 42 -4.03 -6.45 2.08
N GLY A 43 -3.20 -5.44 1.85
CA GLY A 43 -3.62 -4.07 2.11
C GLY A 43 -3.95 -3.43 0.78
N GLY A 44 -4.39 -2.17 0.82
CA GLY A 44 -4.74 -1.46 -0.40
C GLY A 44 -4.91 0.01 -0.06
N SER A 45 -5.02 0.87 -1.08
CA SER A 45 -5.20 2.30 -0.86
C SER A 45 -6.31 2.89 -1.72
N LEU A 46 -7.19 3.66 -1.10
CA LEU A 46 -8.27 4.31 -1.83
C LEU A 46 -7.70 5.52 -2.58
N ILE A 47 -8.01 5.64 -3.86
CA ILE A 47 -7.54 6.79 -4.62
C ILE A 47 -8.72 7.71 -4.95
N ASN A 48 -9.91 7.21 -4.68
CA ASN A 48 -11.17 7.96 -4.85
C ASN A 48 -12.31 7.08 -4.34
N GLU A 49 -13.55 7.54 -4.42
CA GLU A 49 -14.66 6.77 -3.88
C GLU A 49 -14.97 5.42 -4.55
N ASN A 50 -14.50 5.23 -5.78
CA ASN A 50 -14.82 4.00 -6.50
C ASN A 50 -13.65 3.09 -6.82
N TRP A 51 -12.43 3.53 -6.55
CA TRP A 51 -11.26 2.72 -6.89
C TRP A 51 -10.25 2.51 -5.78
N VAL A 52 -9.67 1.31 -5.77
CA VAL A 52 -8.66 0.92 -4.80
C VAL A 52 -7.44 0.42 -5.54
N VAL A 53 -6.26 0.82 -5.09
CA VAL A 53 -5.03 0.35 -5.72
C VAL A 53 -4.37 -0.64 -4.77
N THR A 54 -3.92 -1.77 -5.32
CA THR A 54 -3.27 -2.79 -4.51
C THR A 54 -2.20 -3.47 -5.36
N ALA A 55 -1.61 -4.55 -4.85
CA ALA A 55 -0.58 -5.25 -5.59
C ALA A 55 -1.19 -6.34 -6.46
N ALA A 56 -0.63 -6.53 -7.65
CA ALA A 56 -1.15 -7.56 -8.55
C ALA A 56 -0.95 -8.95 -7.95
N HIS A 57 0.15 -9.17 -7.23
CA HIS A 57 0.40 -10.50 -6.68
C HIS A 57 -0.54 -10.90 -5.55
N CYS A 58 -1.36 -9.96 -5.08
CA CYS A 58 -2.31 -10.27 -4.01
C CYS A 58 -3.38 -11.24 -4.49
N GLY A 59 -3.52 -11.36 -5.80
CA GLY A 59 -4.50 -12.27 -6.39
C GLY A 59 -5.95 -12.08 -5.98
N VAL A 60 -6.38 -10.83 -5.93
CA VAL A 60 -7.76 -10.51 -5.54
C VAL A 60 -8.78 -11.03 -6.56
N THR A 61 -9.93 -11.46 -6.07
CA THR A 61 -11.01 -11.94 -6.92
C THR A 61 -12.26 -11.14 -6.54
N THR A 62 -13.31 -11.25 -7.34
CA THR A 62 -14.54 -10.51 -7.05
C THR A 62 -15.31 -11.07 -5.85
N SER A 63 -14.81 -12.16 -5.27
CA SER A 63 -15.47 -12.75 -4.10
C SER A 63 -14.84 -12.20 -2.83
N ASP A 64 -13.72 -11.48 -2.98
CA ASP A 64 -13.03 -10.88 -1.84
C ASP A 64 -13.72 -9.56 -1.49
N VAL A 65 -13.45 -9.05 -0.29
CA VAL A 65 -14.09 -7.82 0.16
C VAL A 65 -13.10 -6.73 0.57
N VAL A 66 -13.44 -5.48 0.26
CA VAL A 66 -12.61 -4.33 0.62
C VAL A 66 -13.20 -3.73 1.89
N VAL A 67 -12.40 -3.64 2.94
CA VAL A 67 -12.86 -3.08 4.20
C VAL A 67 -12.19 -1.73 4.45
N ALA A 68 -13.01 -0.69 4.54
CA ALA A 68 -12.51 0.66 4.77
C ALA A 68 -12.93 1.19 6.13
N GLY A 69 -12.13 2.10 6.68
CA GLY A 69 -12.43 2.70 7.97
C GLY A 69 -12.16 1.81 9.17
N GLU A 70 -11.39 0.75 8.98
CA GLU A 70 -11.09 -0.17 10.07
C GLU A 70 -9.75 0.13 10.71
N PHE A 71 -9.65 -0.09 12.02
CA PHE A 71 -8.41 0.12 12.75
C PHE A 71 -8.05 -1.16 13.51
N ASP A 72 -8.98 -1.62 14.34
CA ASP A 72 -8.77 -2.82 15.13
C ASP A 72 -9.66 -3.92 14.54
N GLN A 73 -9.04 -4.86 13.85
CA GLN A 73 -9.77 -5.96 13.23
C GLN A 73 -10.38 -6.92 14.23
N GLY A 74 -10.06 -6.74 15.51
CA GLY A 74 -10.62 -7.59 16.53
C GLY A 74 -11.81 -6.96 17.23
N SER A 75 -12.13 -5.73 16.82
CA SER A 75 -13.25 -4.99 17.40
C SER A 75 -14.51 -5.12 16.55
N SER A 76 -15.66 -5.16 17.23
CA SER A 76 -16.93 -5.28 16.53
C SER A 76 -17.74 -3.99 16.67
N SER A 77 -17.16 -3.00 17.33
CA SER A 77 -17.86 -1.74 17.55
C SER A 77 -17.43 -0.62 16.61
N GLU A 78 -16.55 -0.91 15.66
CA GLU A 78 -16.11 0.10 14.72
C GLU A 78 -17.09 0.19 13.55
N LYS A 79 -17.39 1.42 13.12
CA LYS A 79 -18.29 1.62 12.00
C LYS A 79 -17.46 1.50 10.73
N ILE A 80 -17.29 0.28 10.25
CA ILE A 80 -16.51 0.03 9.05
C ILE A 80 -17.40 -0.10 7.83
N GLN A 81 -16.78 -0.07 6.66
CA GLN A 81 -17.51 -0.21 5.41
C GLN A 81 -16.97 -1.42 4.65
N LYS A 82 -17.85 -2.39 4.40
CA LYS A 82 -17.46 -3.59 3.67
C LYS A 82 -17.97 -3.39 2.24
N LEU A 83 -17.03 -3.16 1.34
CA LEU A 83 -17.36 -2.87 -0.06
C LEU A 83 -17.08 -4.05 -1.00
N LYS A 84 -18.06 -4.35 -1.86
CA LYS A 84 -17.92 -5.43 -2.82
C LYS A 84 -17.10 -4.97 -4.01
N ILE A 85 -16.45 -5.91 -4.68
CA ILE A 85 -15.60 -5.59 -5.83
C ILE A 85 -16.31 -5.94 -7.14
N ALA A 86 -16.41 -4.95 -8.04
CA ALA A 86 -17.07 -5.15 -9.32
C ALA A 86 -16.15 -5.78 -10.37
N LYS A 87 -14.94 -5.26 -10.48
CA LYS A 87 -13.99 -5.79 -11.46
C LYS A 87 -12.56 -5.64 -10.99
N VAL A 88 -11.72 -6.58 -11.41
CA VAL A 88 -10.30 -6.57 -11.06
C VAL A 88 -9.50 -6.26 -12.31
N PHE A 89 -8.72 -5.18 -12.26
CA PHE A 89 -7.89 -4.77 -13.38
C PHE A 89 -6.43 -5.01 -13.06
N LYS A 90 -5.89 -6.13 -13.52
CA LYS A 90 -4.49 -6.46 -13.29
C LYS A 90 -3.70 -5.83 -14.43
N ASN A 91 -2.70 -5.02 -14.11
CA ASN A 91 -1.89 -4.37 -15.13
C ASN A 91 -1.36 -5.44 -16.09
N SER A 92 -1.61 -5.26 -17.38
CA SER A 92 -1.16 -6.24 -18.36
C SER A 92 0.36 -6.38 -18.41
N LYS A 93 1.08 -5.36 -17.92
CA LYS A 93 2.54 -5.40 -17.92
C LYS A 93 3.09 -6.18 -16.72
N TYR A 94 2.21 -6.57 -15.81
CA TYR A 94 2.64 -7.33 -14.63
C TYR A 94 3.33 -8.62 -15.05
N ASN A 95 4.51 -8.84 -14.49
CA ASN A 95 5.31 -10.02 -14.77
C ASN A 95 5.42 -10.80 -13.47
N SER A 96 4.66 -11.89 -13.33
CA SER A 96 4.67 -12.68 -12.11
C SER A 96 6.00 -13.39 -11.83
N LEU A 97 6.84 -13.56 -12.84
CA LEU A 97 8.12 -14.22 -12.65
C LEU A 97 9.13 -13.28 -11.99
N THR A 98 9.11 -12.01 -12.37
CA THR A 98 10.03 -11.02 -11.82
C THR A 98 9.33 -10.12 -10.80
N ILE A 99 8.01 -10.22 -10.75
CA ILE A 99 7.19 -9.42 -9.85
C ILE A 99 7.28 -7.93 -10.22
N ASN A 100 7.59 -7.64 -11.47
CA ASN A 100 7.69 -6.25 -11.92
C ASN A 100 6.31 -5.74 -12.31
N ASN A 101 6.09 -4.44 -12.12
CA ASN A 101 4.81 -3.79 -12.44
C ASN A 101 3.71 -4.44 -11.61
N ASP A 102 3.98 -4.58 -10.32
CA ASP A 102 3.08 -5.22 -9.37
C ASP A 102 1.95 -4.33 -8.90
N ILE A 103 0.98 -4.10 -9.78
CA ILE A 103 -0.14 -3.23 -9.45
C ILE A 103 -1.46 -3.70 -10.05
N THR A 104 -2.52 -3.61 -9.24
CA THR A 104 -3.86 -3.99 -9.67
C THR A 104 -4.84 -2.93 -9.17
N LEU A 105 -5.81 -2.61 -10.00
CA LEU A 105 -6.84 -1.64 -9.64
C LEU A 105 -8.13 -2.40 -9.39
N LEU A 106 -8.85 -1.99 -8.35
CA LEU A 106 -10.12 -2.62 -8.01
C LEU A 106 -11.24 -1.61 -8.17
N LYS A 107 -12.22 -1.94 -8.99
CA LYS A 107 -13.38 -1.08 -9.21
C LYS A 107 -14.44 -1.57 -8.23
N LEU A 108 -14.89 -0.71 -7.33
CA LEU A 108 -15.88 -1.09 -6.33
C LEU A 108 -17.29 -1.03 -6.92
N SER A 109 -18.11 -2.01 -6.57
CA SER A 109 -19.49 -2.06 -7.06
C SER A 109 -20.32 -1.07 -6.25
N THR A 110 -19.87 -0.81 -5.04
CA THR A 110 -20.53 0.12 -4.14
C THR A 110 -19.49 1.17 -3.73
N ALA A 111 -19.77 2.44 -4.04
CA ALA A 111 -18.85 3.51 -3.71
C ALA A 111 -18.63 3.69 -2.21
N ALA A 112 -17.39 3.97 -1.84
CA ALA A 112 -17.06 4.18 -0.44
C ALA A 112 -17.65 5.52 -0.03
N SER A 113 -17.96 5.66 1.25
CA SER A 113 -18.52 6.92 1.76
C SER A 113 -17.42 7.63 2.52
N PHE A 114 -16.87 8.69 1.92
CA PHE A 114 -15.79 9.42 2.58
C PHE A 114 -16.26 10.13 3.84
N SER A 115 -15.39 10.09 4.84
CA SER A 115 -15.70 10.70 6.13
C SER A 115 -14.38 11.09 6.77
N GLN A 116 -14.40 11.30 8.08
CA GLN A 116 -13.22 11.67 8.82
C GLN A 116 -12.21 10.52 8.87
N THR A 117 -12.71 9.29 8.71
CA THR A 117 -11.84 8.12 8.75
C THR A 117 -11.67 7.40 7.42
N VAL A 118 -12.31 7.91 6.37
CA VAL A 118 -12.19 7.30 5.05
C VAL A 118 -12.05 8.37 3.97
N SER A 119 -10.89 8.40 3.32
CA SER A 119 -10.64 9.37 2.24
C SER A 119 -9.51 8.86 1.35
N ALA A 120 -9.17 9.65 0.33
CA ALA A 120 -8.15 9.25 -0.63
C ALA A 120 -6.75 9.79 -0.45
N VAL A 121 -5.79 9.00 -0.94
CA VAL A 121 -4.39 9.37 -0.91
C VAL A 121 -4.13 10.01 -2.27
N CYS A 122 -3.11 10.85 -2.38
CA CYS A 122 -2.80 11.49 -3.65
C CYS A 122 -1.88 10.62 -4.49
N LEU A 123 -1.98 10.77 -5.81
CA LEU A 123 -1.11 10.05 -6.72
C LEU A 123 -0.09 11.06 -7.22
N PRO A 124 1.14 10.62 -7.51
CA PRO A 124 2.17 11.55 -7.98
C PRO A 124 2.10 11.74 -9.49
N SER A 125 2.86 12.72 -10.00
CA SER A 125 2.92 12.94 -11.44
C SER A 125 4.01 12.00 -11.90
N ALA A 126 3.93 11.54 -13.15
CA ALA A 126 4.93 10.61 -13.65
C ALA A 126 6.34 11.18 -13.52
N SER A 127 6.45 12.51 -13.54
CA SER A 127 7.75 13.17 -13.45
C SER A 127 8.18 13.54 -12.02
N ASP A 128 7.36 13.23 -11.03
CA ASP A 128 7.69 13.54 -9.65
C ASP A 128 8.95 12.81 -9.20
N ASP A 129 9.77 13.50 -8.42
CA ASP A 129 11.02 12.93 -7.92
C ASP A 129 11.03 12.80 -6.41
N PHE A 130 11.37 11.61 -5.93
CA PHE A 130 11.47 11.34 -4.51
C PHE A 130 12.88 10.82 -4.27
N ALA A 131 13.73 11.70 -3.77
CA ALA A 131 15.15 11.40 -3.54
C ALA A 131 15.47 10.34 -2.49
N ALA A 132 16.60 9.67 -2.70
CA ALA A 132 17.06 8.66 -1.76
C ALA A 132 17.36 9.40 -0.46
N GLY A 133 17.06 8.77 0.67
CA GLY A 133 17.30 9.41 1.95
C GLY A 133 16.04 10.03 2.52
N THR A 134 15.07 10.30 1.65
CA THR A 134 13.81 10.88 2.09
C THR A 134 13.11 9.89 3.02
N THR A 135 12.57 10.38 4.12
CA THR A 135 11.88 9.50 5.04
C THR A 135 10.39 9.51 4.72
N CYS A 136 9.84 8.32 4.49
CA CYS A 136 8.43 8.18 4.18
C CYS A 136 7.79 7.23 5.20
N VAL A 137 6.55 6.85 4.96
CA VAL A 137 5.84 5.99 5.89
C VAL A 137 5.10 4.86 5.19
N THR A 138 5.07 3.69 5.83
CA THR A 138 4.34 2.57 5.29
C THR A 138 3.43 2.07 6.42
N THR A 139 2.27 1.55 6.06
CA THR A 139 1.30 1.08 7.05
C THR A 139 0.71 -0.26 6.63
N GLY A 140 0.14 -0.98 7.60
CA GLY A 140 -0.47 -2.26 7.28
C GLY A 140 -0.71 -3.17 8.48
N TRP A 141 -1.38 -4.29 8.21
CA TRP A 141 -1.68 -5.28 9.24
C TRP A 141 -0.85 -6.56 9.02
N GLY A 142 0.30 -6.41 8.38
CA GLY A 142 1.16 -7.56 8.13
C GLY A 142 1.83 -8.02 9.41
N LEU A 143 2.49 -9.18 9.35
CA LEU A 143 3.17 -9.73 10.53
C LEU A 143 4.10 -8.72 11.18
N THR A 144 4.12 -8.71 12.51
CA THR A 144 4.98 -7.80 13.27
C THR A 144 6.23 -8.53 13.75
N ARG A 145 6.25 -9.83 13.51
CA ARG A 145 7.37 -10.68 13.91
C ARG A 145 7.32 -11.94 13.06
N TYR A 146 8.47 -12.34 12.52
CA TYR A 146 8.52 -13.53 11.69
C TYR A 146 9.04 -14.72 12.50
N THR A 151 -1.39 -12.21 12.17
CA THR A 151 -1.25 -10.74 11.97
C THR A 151 -1.86 -9.95 13.13
N PRO A 152 -1.33 -8.76 13.41
CA PRO A 152 -1.84 -7.91 14.50
C PRO A 152 -3.25 -7.40 14.24
N ASP A 153 -4.01 -7.19 15.30
CA ASP A 153 -5.37 -6.69 15.18
C ASP A 153 -5.40 -5.21 14.78
N ARG A 154 -4.50 -4.43 15.37
CA ARG A 154 -4.47 -2.98 15.11
C ARG A 154 -3.46 -2.54 14.06
N LEU A 155 -3.88 -1.57 13.25
CA LEU A 155 -3.05 -1.03 12.18
C LEU A 155 -1.70 -0.51 12.66
N GLN A 156 -0.64 -0.95 12.00
CA GLN A 156 0.72 -0.55 12.36
C GLN A 156 1.27 0.46 11.35
N GLN A 157 2.28 1.22 11.77
CA GLN A 157 2.92 2.21 10.92
C GLN A 157 4.42 2.19 11.20
N ALA A 158 5.20 2.70 10.26
CA ALA A 158 6.64 2.78 10.43
C ALA A 158 7.23 3.78 9.45
N SER A 159 8.18 4.58 9.93
CA SER A 159 8.86 5.54 9.08
C SER A 159 10.10 4.82 8.57
N LEU A 160 10.47 5.06 7.32
CA LEU A 160 11.64 4.42 6.74
C LEU A 160 12.14 5.25 5.58
N PRO A 161 13.44 5.16 5.29
CA PRO A 161 14.04 5.92 4.18
C PRO A 161 14.00 5.25 2.82
N LEU A 162 13.97 6.06 1.77
CA LEU A 162 13.99 5.55 0.41
C LEU A 162 15.45 5.35 0.02
N LEU A 163 15.72 4.35 -0.81
CA LEU A 163 17.08 4.10 -1.28
C LEU A 163 17.07 4.30 -2.79
N SER A 164 18.24 4.40 -3.39
CA SER A 164 18.30 4.55 -4.84
C SER A 164 18.35 3.13 -5.40
N ASN A 165 17.89 2.94 -6.63
CA ASN A 165 17.89 1.62 -7.24
C ASN A 165 19.30 1.08 -7.40
N THR A 166 20.25 1.97 -7.66
CA THR A 166 21.64 1.56 -7.82
C THR A 166 22.14 0.94 -6.51
N ASN A 167 21.89 1.64 -5.40
CA ASN A 167 22.30 1.17 -4.10
C ASN A 167 21.51 -0.07 -3.65
N CYS A 168 20.26 -0.17 -4.11
CA CYS A 168 19.44 -1.31 -3.74
C CYS A 168 19.97 -2.59 -4.37
N LYS A 169 20.53 -2.46 -5.56
CA LYS A 169 21.06 -3.61 -6.28
C LYS A 169 22.22 -4.26 -5.53
N LYS A 170 22.83 -3.52 -4.61
CA LYS A 170 23.91 -4.08 -3.83
C LYS A 170 23.33 -5.17 -2.94
N TYR A 171 22.02 -5.09 -2.72
CA TYR A 171 21.30 -6.05 -1.89
C TYR A 171 20.59 -7.13 -2.71
N TRP A 172 19.85 -6.70 -3.72
CA TRP A 172 19.07 -7.62 -4.53
C TRP A 172 19.57 -7.88 -5.95
N GLY A 173 20.69 -7.26 -6.32
CA GLY A 173 21.24 -7.48 -7.64
C GLY A 173 20.30 -7.11 -8.79
N THR A 174 20.25 -7.97 -9.80
CA THR A 174 19.43 -7.75 -10.98
C THR A 174 17.93 -7.96 -10.80
N LYS A 175 17.50 -8.30 -9.59
CA LYS A 175 16.07 -8.50 -9.34
C LYS A 175 15.34 -7.16 -9.28
N ILE A 176 16.11 -6.09 -9.11
CA ILE A 176 15.55 -4.75 -9.03
C ILE A 176 15.35 -4.15 -10.43
N LYS A 177 14.09 -3.92 -10.79
CA LYS A 177 13.75 -3.35 -12.09
C LYS A 177 13.38 -1.87 -11.96
N ASP A 178 13.22 -1.21 -13.10
CA ASP A 178 12.88 0.22 -13.12
C ASP A 178 11.54 0.57 -12.50
N ALA A 179 10.59 -0.36 -12.52
CA ALA A 179 9.27 -0.09 -11.95
C ALA A 179 9.21 -0.49 -10.47
N MET A 180 10.37 -0.54 -9.83
CA MET A 180 10.46 -0.88 -8.42
C MET A 180 11.22 0.22 -7.72
N ILE A 181 10.97 0.37 -6.43
CA ILE A 181 11.67 1.36 -5.62
C ILE A 181 11.88 0.69 -4.26
N CYS A 182 13.08 0.86 -3.70
CA CYS A 182 13.38 0.25 -2.42
C CYS A 182 13.33 1.22 -1.25
N ALA A 183 13.04 0.69 -0.07
CA ALA A 183 12.97 1.48 1.15
C ALA A 183 13.16 0.55 2.34
N GLY A 184 13.74 1.09 3.42
CA GLY A 184 13.95 0.27 4.59
C GLY A 184 15.41 0.05 4.94
N ALA A 185 15.72 -1.17 5.37
CA ALA A 185 17.08 -1.54 5.78
C ALA A 185 17.48 -0.62 6.93
N SER A 186 16.47 -0.09 7.62
CA SER A 186 16.67 0.85 8.70
C SER A 186 16.24 0.39 10.09
N GLY A 187 15.93 -0.89 10.26
CA GLY A 187 15.51 -1.37 11.56
C GLY A 187 14.04 -1.76 11.58
N VAL A 188 13.35 -1.53 10.47
CA VAL A 188 11.94 -1.89 10.34
C VAL A 188 11.79 -2.59 9.01
N SER A 189 10.68 -3.27 8.80
CA SER A 189 10.45 -3.97 7.54
C SER A 189 8.99 -4.31 7.32
N SER A 190 8.55 -4.19 6.06
CA SER A 190 7.19 -4.57 5.72
C SER A 190 7.29 -6.10 5.77
N CYS A 191 6.17 -6.79 5.94
CA CYS A 191 6.23 -8.25 6.04
C CYS A 191 4.95 -8.87 5.45
N MET A 192 4.86 -10.20 5.45
CA MET A 192 3.67 -10.85 4.91
C MET A 192 2.37 -10.26 5.44
N GLY A 193 1.46 -9.94 4.54
CA GLY A 193 0.19 -9.36 4.95
C GLY A 193 0.16 -7.85 4.72
N ASP A 194 1.33 -7.27 4.50
CA ASP A 194 1.44 -5.83 4.26
C ASP A 194 1.31 -5.56 2.76
N SER A 195 1.53 -6.60 1.95
CA SER A 195 1.47 -6.48 0.49
C SER A 195 0.24 -5.74 -0.01
N GLY A 196 0.42 -4.91 -1.02
CA GLY A 196 -0.68 -4.16 -1.59
C GLY A 196 -0.88 -2.82 -0.91
N GLY A 197 -0.37 -2.72 0.32
CA GLY A 197 -0.50 -1.50 1.11
C GLY A 197 0.33 -0.34 0.59
N PRO A 198 0.19 0.84 1.20
CA PRO A 198 0.91 2.05 0.78
C PRO A 198 2.27 2.38 1.40
N LEU A 199 3.07 3.08 0.60
CA LEU A 199 4.35 3.63 1.02
C LEU A 199 4.07 5.06 0.60
N VAL A 200 3.89 5.94 1.58
CA VAL A 200 3.58 7.33 1.27
C VAL A 200 4.63 8.31 1.76
N CYS A 201 4.82 9.39 0.98
CA CYS A 201 5.77 10.43 1.33
C CYS A 201 5.02 11.76 1.27
N LYS A 202 5.35 12.66 2.19
CA LYS A 202 4.69 13.97 2.21
C LYS A 202 5.33 14.88 1.17
N LYS A 203 4.51 15.43 0.28
CA LYS A 203 4.99 16.32 -0.78
C LYS A 203 4.11 17.57 -0.80
N ASN A 204 4.71 18.73 -0.56
CA ASN A 204 3.95 19.98 -0.54
C ASN A 204 2.77 19.93 0.43
N GLY A 205 2.96 19.29 1.57
CA GLY A 205 1.91 19.21 2.57
C GLY A 205 0.91 18.07 2.47
N ALA A 206 0.94 17.30 1.38
CA ALA A 206 0.01 16.20 1.22
C ALA A 206 0.69 14.85 1.05
N TRP A 207 0.08 13.81 1.60
CA TRP A 207 0.64 12.47 1.50
C TRP A 207 0.41 11.92 0.10
N THR A 208 1.49 11.52 -0.55
CA THR A 208 1.44 11.00 -1.91
C THR A 208 1.87 9.54 -1.95
N LEU A 209 1.15 8.74 -2.74
CA LEU A 209 1.47 7.31 -2.87
C LEU A 209 2.68 7.15 -3.78
N VAL A 210 3.81 6.77 -3.18
CA VAL A 210 5.05 6.58 -3.91
C VAL A 210 5.33 5.11 -4.21
N GLY A 211 4.86 4.24 -3.32
CA GLY A 211 5.09 2.82 -3.53
C GLY A 211 3.95 1.95 -3.04
N ILE A 212 3.96 0.71 -3.53
CA ILE A 212 2.97 -0.30 -3.14
C ILE A 212 3.79 -1.47 -2.60
N VAL A 213 3.51 -1.90 -1.38
CA VAL A 213 4.26 -3.00 -0.78
C VAL A 213 4.23 -4.19 -1.76
N SER A 214 5.40 -4.63 -2.18
CA SER A 214 5.49 -5.72 -3.15
C SER A 214 6.21 -6.97 -2.67
N TRP A 215 7.51 -6.88 -2.43
CA TRP A 215 8.24 -8.04 -1.96
C TRP A 215 9.50 -7.68 -1.19
N GLY A 216 10.20 -8.71 -0.70
CA GLY A 216 11.42 -8.47 0.05
C GLY A 216 11.95 -9.74 0.69
N SER A 217 12.73 -9.57 1.74
CA SER A 217 13.33 -10.69 2.48
C SER A 217 12.30 -11.72 2.92
N SER A 218 12.60 -12.99 2.68
CA SER A 218 11.70 -14.07 3.06
C SER A 218 11.50 -14.14 4.58
N THR A 219 12.41 -13.52 5.33
CA THR A 219 12.30 -13.52 6.79
C THR A 219 12.00 -12.14 7.33
N CYS A 220 11.67 -11.22 6.43
CA CYS A 220 11.34 -9.85 6.81
C CYS A 220 12.47 -9.21 7.62
N SER A 221 13.70 -9.46 7.19
CA SER A 221 14.88 -8.91 7.87
C SER A 221 14.86 -7.38 7.86
N THR A 222 15.07 -6.78 9.03
CA THR A 222 15.05 -5.33 9.15
C THR A 222 16.35 -4.67 8.68
N SER A 223 17.30 -5.47 8.23
CA SER A 223 18.58 -4.95 7.75
C SER A 223 18.64 -5.00 6.23
N THR A 224 17.58 -5.52 5.62
CA THR A 224 17.48 -5.63 4.17
C THR A 224 16.36 -4.71 3.69
N PRO A 225 16.55 -4.03 2.55
CA PRO A 225 15.50 -3.15 2.07
C PRO A 225 14.29 -3.88 1.49
N GLY A 226 13.12 -3.30 1.68
CA GLY A 226 11.90 -3.87 1.14
C GLY A 226 11.76 -3.33 -0.26
N VAL A 227 11.02 -4.04 -1.12
CA VAL A 227 10.84 -3.61 -2.49
C VAL A 227 9.38 -3.25 -2.72
N TYR A 228 9.14 -2.08 -3.28
CA TYR A 228 7.80 -1.59 -3.53
C TYR A 228 7.61 -1.27 -5.02
N ALA A 229 6.38 -1.36 -5.49
CA ALA A 229 6.10 -1.03 -6.89
C ALA A 229 6.24 0.49 -6.96
N ARG A 230 6.99 0.99 -7.94
CA ARG A 230 7.21 2.43 -8.09
C ARG A 230 6.02 3.07 -8.80
N VAL A 231 5.18 3.77 -8.03
CA VAL A 231 3.99 4.38 -8.59
C VAL A 231 4.20 5.39 -9.72
N THR A 232 5.28 6.16 -9.70
CA THR A 232 5.51 7.12 -10.78
C THR A 232 5.63 6.42 -12.14
N ALA A 233 6.08 5.17 -12.13
CA ALA A 233 6.24 4.43 -13.38
C ALA A 233 4.92 3.76 -13.80
N LEU A 234 3.94 3.81 -12.92
CA LEU A 234 2.66 3.14 -13.18
C LEU A 234 1.45 4.06 -13.20
N VAL A 235 1.62 5.31 -12.79
CA VAL A 235 0.50 6.22 -12.72
C VAL A 235 -0.18 6.51 -14.07
N ASN A 236 0.56 6.47 -15.16
CA ASN A 236 -0.03 6.72 -16.46
C ASN A 236 -1.07 5.63 -16.77
N TRP A 237 -0.76 4.38 -16.40
CA TRP A 237 -1.67 3.26 -16.60
C TRP A 237 -2.91 3.45 -15.71
N VAL A 238 -2.69 3.89 -14.48
CA VAL A 238 -3.81 4.10 -13.57
C VAL A 238 -4.76 5.13 -14.16
N GLN A 239 -4.21 6.23 -14.67
CA GLN A 239 -4.99 7.30 -15.27
C GLN A 239 -5.80 6.81 -16.47
N GLN A 240 -5.15 6.05 -17.34
CA GLN A 240 -5.82 5.50 -18.52
C GLN A 240 -6.99 4.61 -18.13
N THR A 241 -6.76 3.73 -17.16
CA THR A 241 -7.77 2.80 -16.70
C THR A 241 -9.00 3.48 -16.11
N LEU A 242 -8.79 4.47 -15.25
CA LEU A 242 -9.91 5.18 -14.65
C LEU A 242 -10.72 5.93 -15.70
N ALA A 243 -10.02 6.49 -16.68
CA ALA A 243 -10.67 7.25 -17.73
C ALA A 243 -11.54 6.39 -18.66
N ALA A 244 -11.10 5.16 -18.90
CA ALA A 244 -11.83 4.27 -19.80
C ALA A 244 -12.87 3.38 -19.10
N ASN A 245 -12.97 3.48 -17.78
CA ASN A 245 -13.93 2.66 -17.05
C ASN A 245 -14.70 3.47 -16.00
#